data_2VPK
#
_entry.id   2VPK
#
_cell.length_a   55.688
_cell.length_b   55.688
_cell.length_c   126.201
_cell.angle_alpha   90.00
_cell.angle_beta   90.00
_cell.angle_gamma   120.00
#
_symmetry.space_group_name_H-M   'P 61 2 2'
#
loop_
_entity.id
_entity.type
_entity.pdbx_description
1 polymer MYONEURIN
2 water water
#
_entity_poly.entity_id   1
_entity_poly.type   'polypeptide(L)'
_entity_poly.pdbx_seq_one_letter_code
;SMSHHCEHLLERLNKQREAGFLCDCTIVIGEFQFKAHRNVLASFSEYFGAIYRSTSENNVFLDQSQVKADGFQKLLEFIY
TGTLNLDSWNVKEIHQAADYLKVEEVVTKCKIKMED
;
_entity_poly.pdbx_strand_id   A
#
# COMPACT_ATOMS: atom_id res chain seq x y z
N SER A 1 20.11 6.88 15.87
CA SER A 1 20.20 8.04 14.94
C SER A 1 19.54 7.76 13.59
N MET A 2 19.85 6.61 12.98
CA MET A 2 19.28 6.29 11.66
C MET A 2 17.92 5.62 11.80
N SER A 3 17.75 4.78 12.80
CA SER A 3 16.43 4.25 13.07
C SER A 3 15.57 5.41 13.49
N HIS A 4 16.15 6.36 14.23
CA HIS A 4 15.41 7.54 14.69
C HIS A 4 15.03 8.42 13.49
N HIS A 5 15.97 8.63 12.57
CA HIS A 5 15.71 9.47 11.41
C HIS A 5 14.59 8.89 10.58
N CYS A 6 14.73 7.63 10.15
CA CYS A 6 13.77 7.06 9.20
C CYS A 6 12.45 6.72 9.87
N GLU A 7 12.45 6.39 11.14
CA GLU A 7 11.20 6.20 11.86
C GLU A 7 10.44 7.55 11.99
N HIS A 8 11.17 8.65 12.23
CA HIS A 8 10.56 9.98 12.26
C HIS A 8 9.86 10.22 10.93
N LEU A 9 10.58 9.97 9.86
CA LEU A 9 10.06 10.23 8.53
C LEU A 9 8.76 9.48 8.33
N LEU A 10 8.76 8.21 8.73
CA LEU A 10 7.65 7.31 8.44
C LEU A 10 6.42 7.70 9.22
N GLU A 11 6.61 8.03 10.50
CA GLU A 11 5.54 8.56 11.32
C GLU A 11 4.97 9.83 10.69
N ARG A 12 5.82 10.73 10.20
CA ARG A 12 5.32 11.98 9.64
C ARG A 12 4.56 11.71 8.36
N LEU A 13 5.09 10.81 7.54
CA LEU A 13 4.49 10.49 6.27
C LEU A 13 3.12 9.89 6.52
N ASN A 14 3.02 9.05 7.54
CA ASN A 14 1.71 8.48 7.89
C ASN A 14 0.72 9.50 8.50
N LYS A 15 1.25 10.50 9.22
CA LYS A 15 0.42 11.56 9.78
C LYS A 15 -0.12 12.41 8.66
N GLN A 16 0.70 12.65 7.66
CA GLN A 16 0.28 13.42 6.49
C GLN A 16 -0.79 12.68 5.72
N ARG A 17 -0.63 11.37 5.59
CA ARG A 17 -1.59 10.56 4.86
C ARG A 17 -2.93 10.60 5.57
N GLU A 18 -2.93 10.32 6.87
CA GLU A 18 -4.15 10.41 7.66
C GLU A 18 -4.80 11.80 7.67
N ALA A 19 -4.01 12.85 7.46
CA ALA A 19 -4.53 14.23 7.38
C ALA A 19 -4.96 14.66 5.98
N GLY A 20 -4.66 13.83 4.98
CA GLY A 20 -5.00 14.16 3.61
C GLY A 20 -4.04 15.20 3.03
N PHE A 21 -2.83 15.28 3.61
CA PHE A 21 -1.83 16.30 3.26
C PHE A 21 -0.80 15.85 2.25
N LEU A 22 -0.69 16.60 1.16
CA LEU A 22 0.26 16.33 0.09
C LEU A 22 0.08 14.97 -0.57
N CYS A 23 -1.12 14.42 -0.47
CA CYS A 23 -1.37 13.11 -1.04
C CYS A 23 -1.69 13.26 -2.51
N ASP A 24 -0.73 12.95 -3.37
CA ASP A 24 -0.85 13.17 -4.81
C ASP A 24 -1.34 11.91 -5.55
N CYS A 25 -1.75 10.91 -4.78
CA CYS A 25 -2.32 9.70 -5.34
C CYS A 25 -3.65 9.51 -4.65
N THR A 26 -4.69 9.22 -5.43
CA THR A 26 -5.94 8.63 -4.95
C THR A 26 -6.15 7.28 -5.62
N ILE A 27 -6.17 6.24 -4.83
CA ILE A 27 -6.38 4.88 -5.32
C ILE A 27 -7.85 4.55 -5.14
N VAL A 28 -8.49 4.15 -6.23
CA VAL A 28 -9.91 3.83 -6.22
C VAL A 28 -10.12 2.34 -6.42
N ILE A 29 -10.93 1.74 -5.56
CA ILE A 29 -11.31 0.36 -5.73
C ILE A 29 -12.80 0.38 -5.52
N GLY A 30 -13.57 0.32 -6.61
CA GLY A 30 -15.01 0.46 -6.51
C GLY A 30 -15.44 1.76 -5.80
N GLU A 31 -16.15 1.62 -4.69
CA GLU A 31 -16.73 2.80 -3.99
C GLU A 31 -15.85 3.19 -2.82
N PHE A 32 -14.65 2.63 -2.82
CA PHE A 32 -13.63 2.99 -1.85
C PHE A 32 -12.58 3.84 -2.50
N GLN A 33 -12.12 4.86 -1.77
CA GLN A 33 -11.02 5.71 -2.20
C GLN A 33 -9.99 5.80 -1.09
N PHE A 34 -8.71 5.75 -1.47
CA PHE A 34 -7.60 5.87 -0.52
C PHE A 34 -6.61 6.98 -0.95
N LYS A 35 -6.27 7.84 0.00
CA LYS A 35 -5.34 8.94 -0.24
C LYS A 35 -3.95 8.45 0.12
N ALA A 36 -2.95 8.76 -0.71
CA ALA A 36 -1.58 8.39 -0.36
C ALA A 36 -0.58 9.24 -1.15
N HIS A 37 0.71 8.98 -0.94
CA HIS A 37 1.78 9.65 -1.64
C HIS A 37 2.41 8.78 -2.72
N ARG A 38 2.51 9.30 -3.92
CA ARG A 38 3.03 8.51 -5.00
C ARG A 38 4.47 8.05 -4.77
N ASN A 39 5.29 8.85 -4.10
CA ASN A 39 6.69 8.46 -3.97
C ASN A 39 6.81 7.29 -3.00
N VAL A 40 5.90 7.25 -2.04
CA VAL A 40 5.91 6.22 -1.02
C VAL A 40 5.40 4.93 -1.63
N LEU A 41 4.29 5.01 -2.34
CA LEU A 41 3.78 3.83 -3.04
C LEU A 41 4.78 3.25 -4.02
N ALA A 42 5.46 4.10 -4.78
CA ALA A 42 6.44 3.63 -5.75
C ALA A 42 7.60 2.93 -5.07
N SER A 43 7.89 3.31 -3.83
CA SER A 43 9.03 2.73 -3.13
C SER A 43 8.79 1.26 -2.79
N PHE A 44 7.53 0.85 -2.78
CA PHE A 44 7.19 -0.49 -2.33
C PHE A 44 6.41 -1.34 -3.33
N SER A 45 5.83 -0.69 -4.32
CA SER A 45 4.96 -1.37 -5.25
C SER A 45 5.43 -1.18 -6.68
N GLU A 46 5.79 -2.27 -7.35
CA GLU A 46 6.28 -2.16 -8.72
C GLU A 46 5.13 -1.81 -9.64
N TYR A 47 3.91 -2.12 -9.22
CA TYR A 47 2.73 -1.74 -9.99
C TYR A 47 2.57 -0.22 -10.00
N PHE A 48 2.60 0.42 -8.84
CA PHE A 48 2.41 1.84 -8.81
C PHE A 48 3.62 2.51 -9.45
N GLY A 49 4.82 1.97 -9.21
CA GLY A 49 6.02 2.54 -9.81
C GLY A 49 5.94 2.53 -11.33
N ALA A 50 5.42 1.44 -11.88
CA ALA A 50 5.33 1.30 -13.33
C ALA A 50 4.31 2.30 -13.86
N ILE A 51 3.25 2.51 -13.11
CA ILE A 51 2.26 3.52 -13.46
C ILE A 51 2.88 4.93 -13.52
N TYR A 52 3.70 5.29 -12.54
CA TYR A 52 4.13 6.70 -12.45
C TYR A 52 5.25 7.07 -13.44
N ARG A 53 5.86 6.06 -14.02
CA ARG A 53 6.57 6.21 -15.29
C ARG A 53 5.72 6.30 -16.58
N SER A 54 4.41 6.51 -16.47
CA SER A 54 3.57 6.38 -17.66
C SER A 54 2.49 7.44 -17.72
N THR A 55 2.17 8.04 -16.59
CA THR A 55 1.13 9.07 -16.52
C THR A 55 1.36 9.99 -15.34
N SER A 56 0.77 11.18 -15.40
CA SER A 56 0.83 12.12 -14.30
C SER A 56 -0.54 12.27 -13.61
N GLU A 57 -1.52 11.49 -14.06
CA GLU A 57 -2.83 11.43 -13.39
C GLU A 57 -2.62 10.94 -11.95
N ASN A 58 -3.23 11.61 -11.00
CA ASN A 58 -3.02 11.21 -9.63
C ASN A 58 -3.78 9.91 -9.34
N ASN A 59 -5.06 9.91 -9.72
CA ASN A 59 -5.97 8.78 -9.54
C ASN A 59 -5.54 7.50 -10.25
N VAL A 60 -5.47 6.43 -9.49
CA VAL A 60 -5.30 5.08 -10.04
C VAL A 60 -6.54 4.24 -9.70
N PHE A 61 -7.25 3.79 -10.72
CA PHE A 61 -8.42 2.95 -10.51
C PHE A 61 -8.02 1.49 -10.64
N LEU A 62 -8.14 0.74 -9.55
CA LEU A 62 -7.80 -0.66 -9.54
C LEU A 62 -8.99 -1.56 -9.88
N ASP A 63 -8.67 -2.70 -10.47
CA ASP A 63 -9.66 -3.72 -10.80
C ASP A 63 -10.09 -4.37 -9.50
N GLN A 64 -11.32 -4.11 -9.10
CA GLN A 64 -11.90 -4.62 -7.87
C GLN A 64 -12.12 -6.16 -7.93
N SER A 65 -12.14 -6.73 -9.12
CA SER A 65 -12.14 -8.18 -9.24
C SER A 65 -10.74 -8.76 -8.99
N GLN A 66 -9.75 -7.90 -8.79
CA GLN A 66 -8.40 -8.37 -8.56
C GLN A 66 -7.88 -7.94 -7.20
N VAL A 67 -8.56 -7.00 -6.55
CA VAL A 67 -8.05 -6.46 -5.29
C VAL A 67 -9.21 -6.04 -4.42
N LYS A 68 -9.27 -6.54 -3.19
CA LYS A 68 -10.35 -6.18 -2.27
C LYS A 68 -9.91 -4.96 -1.52
N ALA A 69 -10.84 -4.11 -1.18
CA ALA A 69 -10.53 -2.85 -0.54
C ALA A 69 -9.94 -3.11 0.83
N ASP A 70 -10.49 -4.06 1.57
CA ASP A 70 -9.95 -4.38 2.89
C ASP A 70 -8.51 -4.91 2.80
N GLY A 71 -8.22 -5.70 1.77
CA GLY A 71 -6.84 -6.11 1.50
C GLY A 71 -5.90 -4.93 1.26
N PHE A 72 -6.34 -4.00 0.43
CA PHE A 72 -5.51 -2.88 0.11
C PHE A 72 -5.32 -1.95 1.31
N GLN A 73 -6.35 -1.83 2.13
CA GLN A 73 -6.24 -1.04 3.36
C GLN A 73 -5.10 -1.53 4.22
N LYS A 74 -4.97 -2.84 4.36
CA LYS A 74 -3.98 -3.41 5.28
C LYS A 74 -2.62 -3.29 4.68
N LEU A 75 -2.59 -3.36 3.37
CA LEU A 75 -1.38 -3.25 2.59
C LEU A 75 -0.80 -1.85 2.65
N LEU A 76 -1.69 -0.85 2.58
CA LEU A 76 -1.34 0.55 2.67
C LEU A 76 -0.81 0.91 4.07
N GLU A 77 -1.52 0.44 5.09
CA GLU A 77 -1.10 0.59 6.46
C GLU A 77 0.28 -0.02 6.71
N PHE A 78 0.51 -1.22 6.19
CA PHE A 78 1.84 -1.78 6.21
C PHE A 78 2.90 -0.87 5.57
N ILE A 79 2.59 -0.33 4.40
CA ILE A 79 3.53 0.50 3.68
C ILE A 79 3.89 1.70 4.52
N TYR A 80 2.90 2.25 5.21
CA TYR A 80 3.08 3.46 6.01
C TYR A 80 3.47 3.26 7.48
N THR A 81 3.47 2.01 7.97
CA THR A 81 3.88 1.76 9.36
C THR A 81 4.99 0.72 9.53
N GLY A 82 5.13 -0.18 8.56
CA GLY A 82 5.99 -1.36 8.68
C GLY A 82 5.31 -2.55 9.38
N THR A 83 4.04 -2.39 9.71
CA THR A 83 3.32 -3.39 10.47
C THR A 83 2.36 -4.17 9.58
N LEU A 84 2.44 -5.50 9.69
CA LEU A 84 1.59 -6.43 8.97
C LEU A 84 1.10 -7.55 9.90
N ASN A 85 -0.13 -7.41 10.38
CA ASN A 85 -0.69 -8.40 11.28
C ASN A 85 -1.63 -9.31 10.51
N LEU A 86 -1.11 -10.49 10.19
CA LEU A 86 -1.78 -11.43 9.31
C LEU A 86 -2.46 -12.51 10.08
N ASP A 87 -3.74 -12.69 9.82
CA ASP A 87 -4.45 -13.83 10.37
C ASP A 87 -5.30 -14.56 9.34
N SER A 88 -5.68 -15.77 9.72
CA SER A 88 -6.38 -16.69 8.84
C SER A 88 -7.42 -16.06 7.95
N TRP A 89 -8.14 -15.08 8.45
CA TRP A 89 -9.22 -14.52 7.67
C TRP A 89 -8.77 -13.50 6.62
N ASN A 90 -7.79 -12.66 6.95
CA ASN A 90 -7.39 -11.57 6.06
C ASN A 90 -6.23 -11.92 5.11
N VAL A 91 -5.53 -13.00 5.39
CA VAL A 91 -4.29 -13.29 4.72
C VAL A 91 -4.46 -13.48 3.22
N LYS A 92 -5.54 -14.12 2.78
CA LYS A 92 -5.73 -14.40 1.35
C LYS A 92 -5.88 -13.12 0.57
N GLU A 93 -6.65 -12.21 1.11
CA GLU A 93 -6.96 -10.95 0.44
C GLU A 93 -5.74 -10.05 0.43
N ILE A 94 -5.01 -10.06 1.53
CA ILE A 94 -3.80 -9.27 1.64
C ILE A 94 -2.77 -9.80 0.69
N HIS A 95 -2.56 -11.12 0.70
CA HIS A 95 -1.75 -11.77 -0.31
C HIS A 95 -2.17 -11.36 -1.74
N GLN A 96 -3.48 -11.43 -2.04
CA GLN A 96 -3.98 -11.13 -3.38
C GLN A 96 -3.64 -9.69 -3.75
N ALA A 97 -3.85 -8.76 -2.82
CA ALA A 97 -3.48 -7.37 -3.07
C ALA A 97 -1.98 -7.17 -3.29
N ALA A 98 -1.15 -7.86 -2.52
CA ALA A 98 0.28 -7.60 -2.63
C ALA A 98 0.84 -8.27 -3.88
N ASP A 99 0.22 -9.36 -4.31
CA ASP A 99 0.65 -10.07 -5.52
C ASP A 99 0.28 -9.21 -6.73
N TYR A 100 -0.98 -8.81 -6.82
CA TYR A 100 -1.43 -7.96 -7.91
C TYR A 100 -0.61 -6.66 -7.98
N LEU A 101 -0.39 -6.04 -6.84
CA LEU A 101 0.31 -4.74 -6.78
C LEU A 101 1.80 -4.90 -6.60
N LYS A 102 2.27 -6.13 -6.64
CA LYS A 102 3.71 -6.48 -6.61
C LYS A 102 4.44 -5.80 -5.51
N VAL A 103 4.00 -6.07 -4.29
CA VAL A 103 4.67 -5.68 -3.08
C VAL A 103 5.27 -6.93 -2.46
N GLU A 104 6.49 -7.28 -2.89
CA GLU A 104 7.00 -8.63 -2.64
C GLU A 104 7.31 -8.87 -1.17
N GLU A 105 7.56 -7.82 -0.39
CA GLU A 105 7.80 -8.02 1.03
C GLU A 105 6.62 -8.80 1.58
N VAL A 106 5.42 -8.32 1.25
CA VAL A 106 4.20 -8.83 1.82
C VAL A 106 3.79 -10.17 1.26
N VAL A 107 3.96 -10.35 -0.05
CA VAL A 107 3.59 -11.59 -0.71
C VAL A 107 4.27 -12.74 0.02
N THR A 108 5.57 -12.61 0.23
CA THR A 108 6.35 -13.65 0.86
C THR A 108 5.93 -13.86 2.32
N LYS A 109 5.69 -12.78 3.06
CA LYS A 109 5.24 -12.88 4.45
C LYS A 109 3.90 -13.61 4.56
N CYS A 110 3.10 -13.53 3.50
CA CYS A 110 1.78 -14.12 3.48
C CYS A 110 1.86 -15.62 3.23
N LYS A 111 2.64 -16.04 2.26
CA LYS A 111 2.69 -17.46 1.92
C LYS A 111 3.49 -18.20 2.97
N ILE A 112 4.41 -17.49 3.60
CA ILE A 112 5.07 -17.99 4.77
C ILE A 112 4.01 -18.30 5.83
N LYS A 113 3.19 -17.29 6.14
CA LYS A 113 2.09 -17.46 7.07
C LYS A 113 1.13 -18.60 6.67
N MET A 114 0.78 -18.65 5.38
CA MET A 114 -0.35 -19.45 4.92
C MET A 114 -0.12 -20.93 5.21
N GLU A 115 1.13 -21.33 5.37
CA GLU A 115 1.46 -22.67 5.83
C GLU A 115 0.71 -22.99 7.12
#